data_6NPO
#
_entry.id   6NPO
#
_cell.length_a   56.542
_cell.length_b   54.900
_cell.length_c   82.917
_cell.angle_alpha   90.00
_cell.angle_beta   106.21
_cell.angle_gamma   90.00
#
_symmetry.space_group_name_H-M   'P 1 21 1'
#
loop_
_entity.id
_entity.type
_entity.pdbx_description
1 polymer 'Oligopeptide ABC transporter, oligopeptide-binding protein'
2 polymer 'Unknown peptide ligand'
3 non-polymer 'ZINC ION'
4 water water
#
loop_
_entity_poly.entity_id
_entity_poly.type
_entity_poly.pdbx_seq_one_letter_code
_entity_poly.pdbx_strand_id
1 'polypeptide(L)'
;SNAACSTSGGDKKTSTNSSSGGDSKSEEKLAAKQVFNKTENQEIPT(MSE)DTSKSTDTLGSQILGNT(MSE)EGLYRLD
KENKPIPAAAESSTKSEDGKKYTFKLRKDAKWSNGDSVTAKDFVFAWQRLLDPKTAAEYAFIAFPIKNAEAVNKGEKPVT
ELGVKAVDDLTLEVELEQAVPYFLNLVAFPSYYPLNEKFVKEKGDKYGLESDTTVYNGPFVLTDWKHEQGWKLKKNDQYW
DKKTVKLDEINYSVVKEPATNVNLYDSGQIDFSLLTGEFVDKYRNNKEEYGVYNEPSTFFIRLNQKRGGQDTPLKSKKLR
EAIALSIDKKNLTNVILNDGSKPADYLVPKGLAAGPDGKDFQETFKNGVKPDAKKAAAAWEEAKKELGKDQVTIEFLNYD
TGNAKKVGEYVKDQIEKNLKGVTVNIKLQPFKQKLKLESDQDYDISYGGWSPDYADP(MSE)TYLD(MSE)FESKHSHNQ
(MSE)SFSDQKYDEIIKKAGGEL(MSE)TDAKKRWEELGKAEELLLEEDVALVPLYQSARSYV(MSE)KPHVKGVVKHNI
SPEYSYKWAYVTEK
;
A
2 'polypeptide(L)' (UNK)(UNK)(UNK)(UNK) C
#
loop_
_chem_comp.id
_chem_comp.type
_chem_comp.name
_chem_comp.formula
ZN non-polymer 'ZINC ION' 'Zn 2'
#
# COMPACT_ATOMS: atom_id res chain seq x y z
N GLU A 28 16.79 -18.60 25.91
CA GLU A 28 16.56 -18.19 24.47
C GLU A 28 17.82 -18.54 23.64
N LYS A 29 18.02 -19.84 23.37
CA LYS A 29 19.14 -20.38 22.55
C LYS A 29 18.76 -20.30 21.05
N LEU A 30 19.67 -19.82 20.20
CA LEU A 30 19.49 -19.82 18.71
C LEU A 30 19.38 -21.26 18.22
N ALA A 31 18.57 -21.50 17.20
CA ALA A 31 18.45 -22.82 16.52
C ALA A 31 19.56 -22.94 15.47
N ALA A 32 19.67 -24.12 14.87
CA ALA A 32 20.67 -24.43 13.82
C ALA A 32 20.18 -23.90 12.48
N LYS A 33 18.93 -24.24 12.12
CA LYS A 33 18.24 -23.81 10.88
C LYS A 33 17.56 -22.46 11.15
N GLN A 34 18.16 -21.38 10.60
CA GLN A 34 17.68 -19.99 10.62
C GLN A 34 16.91 -19.80 9.32
N VAL A 35 15.79 -20.51 9.24
CA VAL A 35 14.89 -20.54 8.05
C VAL A 35 13.49 -20.13 8.51
N PHE A 36 12.90 -19.16 7.82
CA PHE A 36 11.52 -18.68 8.04
C PHE A 36 10.69 -19.02 6.82
N ASN A 37 9.65 -19.85 7.00
CA ASN A 37 8.75 -20.32 5.92
C ASN A 37 7.40 -19.59 6.04
N LYS A 38 6.99 -18.95 4.95
CA LYS A 38 5.64 -18.36 4.86
C LYS A 38 5.04 -18.54 3.46
N THR A 39 3.85 -18.01 3.27
CA THR A 39 3.18 -17.93 1.97
C THR A 39 2.70 -16.50 1.78
N GLU A 40 2.46 -16.17 0.52
CA GLU A 40 1.65 -15.03 0.06
C GLU A 40 0.60 -15.60 -0.87
N ASN A 41 -0.53 -14.92 -1.01
CA ASN A 41 -1.61 -15.34 -1.91
C ASN A 41 -1.52 -14.62 -3.26
N GLN A 42 -0.44 -13.90 -3.57
CA GLN A 42 -0.24 -13.37 -4.94
C GLN A 42 1.24 -13.47 -5.38
N GLU A 43 1.45 -13.58 -6.69
CA GLU A 43 2.72 -13.29 -7.39
C GLU A 43 3.09 -11.83 -7.10
N ILE A 44 4.35 -11.57 -6.81
CA ILE A 44 4.94 -10.19 -6.78
C ILE A 44 4.62 -9.52 -8.12
N PRO A 45 3.87 -8.40 -8.15
CA PRO A 45 3.67 -7.66 -9.39
C PRO A 45 4.98 -7.26 -10.09
N THR A 46 5.91 -6.56 -9.41
CA THR A 46 7.24 -6.17 -9.98
C THR A 46 8.27 -5.92 -8.87
N MSE A 47 9.55 -6.12 -9.21
CA MSE A 47 10.67 -5.78 -8.34
C MSE A 47 11.39 -4.51 -8.85
O MSE A 47 12.43 -4.15 -8.33
CB MSE A 47 11.62 -6.96 -8.23
CG MSE A 47 11.06 -8.07 -7.45
SE MSE A 47 10.79 -7.54 -5.55
CE MSE A 47 12.65 -7.36 -4.90
N ASP A 48 10.85 -3.87 -9.88
CA ASP A 48 11.29 -2.53 -10.24
C ASP A 48 10.75 -1.53 -9.19
N THR A 49 11.66 -0.95 -8.40
CA THR A 49 11.38 0.08 -7.37
C THR A 49 10.60 1.25 -7.99
N SER A 50 10.92 1.70 -9.20
CA SER A 50 10.28 2.88 -9.84
C SER A 50 8.81 2.61 -10.22
N LYS A 51 8.40 1.37 -10.42
CA LYS A 51 7.05 1.00 -10.95
C LYS A 51 6.22 0.26 -9.90
N SER A 52 6.77 -0.02 -8.72
CA SER A 52 6.05 -0.82 -7.68
C SER A 52 4.95 0.05 -7.06
N THR A 53 3.76 -0.49 -6.92
CA THR A 53 2.57 0.25 -6.47
C THR A 53 1.95 -0.41 -5.23
N ASP A 54 2.44 -1.58 -4.80
CA ASP A 54 1.61 -2.49 -3.98
C ASP A 54 2.36 -2.93 -2.71
N THR A 55 1.64 -3.48 -1.73
CA THR A 55 2.26 -3.87 -0.44
C THR A 55 3.14 -5.12 -0.63
N LEU A 56 2.85 -5.99 -1.60
CA LEU A 56 3.67 -7.23 -1.74
C LEU A 56 5.05 -6.87 -2.30
N GLY A 57 5.15 -6.19 -3.43
CA GLY A 57 6.46 -5.71 -3.89
C GLY A 57 7.17 -4.90 -2.81
N SER A 58 6.45 -4.07 -2.07
CA SER A 58 7.05 -3.26 -0.98
C SER A 58 7.68 -4.18 0.08
N GLN A 59 7.03 -5.31 0.39
CA GLN A 59 7.51 -6.23 1.45
C GLN A 59 8.87 -6.77 1.04
N ILE A 60 8.94 -7.29 -0.19
CA ILE A 60 10.12 -8.00 -0.74
C ILE A 60 11.22 -6.97 -0.99
N LEU A 61 10.87 -5.80 -1.53
CA LEU A 61 11.84 -4.70 -1.72
C LEU A 61 12.32 -4.19 -0.35
N GLY A 62 11.41 -4.02 0.60
CA GLY A 62 11.76 -3.59 1.97
C GLY A 62 12.65 -4.57 2.71
N ASN A 63 12.80 -5.80 2.21
CA ASN A 63 13.77 -6.81 2.75
C ASN A 63 14.95 -7.08 1.81
N THR A 64 14.97 -6.60 0.58
CA THR A 64 16.10 -6.83 -0.36
C THR A 64 16.72 -5.52 -0.82
N MSE A 65 16.27 -4.40 -0.26
CA MSE A 65 16.82 -3.08 -0.49
C MSE A 65 16.95 -2.36 0.84
O MSE A 65 16.40 -2.81 1.86
CB MSE A 65 15.91 -2.26 -1.41
CG MSE A 65 15.48 -2.95 -2.68
SE MSE A 65 16.98 -3.16 -3.98
CE MSE A 65 15.97 -3.92 -5.51
N GLU A 66 17.60 -1.19 0.79
CA GLU A 66 17.71 -0.31 1.93
C GLU A 66 17.68 1.13 1.45
N GLY A 67 16.70 1.89 1.92
CA GLY A 67 16.59 3.35 1.79
C GLY A 67 17.55 4.06 2.73
N LEU A 68 17.63 5.38 2.63
CA LEU A 68 18.43 6.25 3.53
C LEU A 68 18.06 5.93 4.98
N TYR A 69 16.77 5.77 5.27
CA TYR A 69 16.26 5.46 6.63
C TYR A 69 15.42 4.18 6.55
N ARG A 70 15.09 3.60 7.70
CA ARG A 70 14.16 2.45 7.75
C ARG A 70 13.37 2.61 9.05
N LEU A 71 12.26 1.92 9.18
CA LEU A 71 11.45 1.96 10.41
C LEU A 71 12.06 0.92 11.35
N ASP A 72 12.30 1.28 12.61
CA ASP A 72 12.80 0.34 13.63
C ASP A 72 11.66 -0.58 14.14
N LYS A 73 11.90 -1.35 15.20
CA LYS A 73 10.96 -2.38 15.72
C LYS A 73 9.66 -1.73 16.20
N GLU A 74 9.63 -0.41 16.45
CA GLU A 74 8.41 0.31 16.90
C GLU A 74 8.11 1.45 15.91
N ASN A 75 8.40 1.23 14.63
CA ASN A 75 7.90 2.04 13.48
C ASN A 75 8.45 3.46 13.49
N LYS A 76 9.63 3.64 14.05
CA LYS A 76 10.31 4.96 14.10
C LYS A 76 11.46 4.94 13.10
N PRO A 77 11.60 6.00 12.30
CA PRO A 77 12.66 6.07 11.28
C PRO A 77 14.05 6.18 11.91
N ILE A 78 14.97 5.30 11.55
CA ILE A 78 16.38 5.27 12.03
C ILE A 78 17.28 5.24 10.78
N PRO A 79 18.52 5.80 10.89
CA PRO A 79 19.52 5.66 9.83
C PRO A 79 19.68 4.21 9.39
N ALA A 80 19.50 3.95 8.09
CA ALA A 80 19.71 2.66 7.42
C ALA A 80 20.89 2.81 6.44
N ALA A 81 20.66 3.16 5.18
CA ALA A 81 21.74 3.21 4.18
C ALA A 81 22.64 4.41 4.49
N ALA A 82 22.03 5.46 5.04
CA ALA A 82 22.74 6.58 5.66
C ALA A 82 23.09 6.23 7.10
N GLU A 83 24.22 6.75 7.59
CA GLU A 83 24.67 6.51 8.99
C GLU A 83 24.25 7.71 9.85
N SER A 84 23.83 8.80 9.23
CA SER A 84 23.37 10.03 9.93
C SER A 84 22.79 11.02 8.91
N SER A 85 22.18 12.10 9.38
CA SER A 85 21.59 13.17 8.52
C SER A 85 21.44 14.47 9.33
N THR A 86 21.56 15.60 8.65
CA THR A 86 21.33 16.93 9.25
C THR A 86 20.18 17.60 8.50
N LYS A 87 19.50 18.52 9.18
CA LYS A 87 18.31 19.23 8.66
C LYS A 87 18.55 20.72 8.85
N SER A 88 18.41 21.48 7.77
CA SER A 88 18.74 22.92 7.71
C SER A 88 17.86 23.69 8.70
N GLU A 89 18.12 24.99 8.84
CA GLU A 89 17.39 25.93 9.74
C GLU A 89 15.91 25.93 9.32
N ASP A 90 15.66 26.10 8.00
CA ASP A 90 14.31 26.26 7.40
C ASP A 90 13.68 24.91 7.04
N GLY A 91 14.40 23.78 7.23
CA GLY A 91 13.86 22.41 7.10
C GLY A 91 13.66 22.00 5.65
N LYS A 92 14.30 22.70 4.71
CA LYS A 92 14.16 22.49 3.25
C LYS A 92 15.44 21.89 2.65
N LYS A 93 16.54 21.81 3.40
CA LYS A 93 17.76 21.11 2.93
C LYS A 93 18.13 20.01 3.92
N TYR A 94 18.42 18.83 3.39
CA TYR A 94 18.85 17.65 4.16
C TYR A 94 20.22 17.26 3.61
N THR A 95 21.14 16.88 4.49
CA THR A 95 22.43 16.24 4.14
C THR A 95 22.47 14.85 4.77
N PHE A 96 22.62 13.82 3.94
CA PHE A 96 22.68 12.39 4.35
C PHE A 96 24.12 11.91 4.22
N LYS A 97 24.62 11.22 5.23
CA LYS A 97 26.00 10.68 5.24
C LYS A 97 25.91 9.17 5.11
N LEU A 98 26.56 8.59 4.11
CA LEU A 98 26.40 7.15 3.74
C LEU A 98 27.54 6.31 4.32
N ARG A 99 27.38 5.00 4.22
CA ARG A 99 28.32 3.99 4.73
C ARG A 99 29.28 3.58 3.63
N LYS A 100 30.58 3.70 3.88
CA LYS A 100 31.65 3.41 2.89
C LYS A 100 31.60 1.93 2.53
N ASP A 101 31.21 1.07 3.49
CA ASP A 101 31.33 -0.41 3.36
C ASP A 101 30.04 -0.98 2.74
N ALA A 102 28.97 -0.20 2.60
CA ALA A 102 27.74 -0.66 1.91
C ALA A 102 28.06 -1.03 0.45
N LYS A 103 27.59 -2.20 0.06
CA LYS A 103 27.77 -2.77 -1.29
C LYS A 103 26.43 -3.35 -1.74
N TRP A 104 26.19 -3.25 -3.04
CA TRP A 104 25.16 -4.00 -3.82
C TRP A 104 25.58 -5.47 -3.90
N SER A 105 24.63 -6.36 -4.18
CA SER A 105 24.83 -7.84 -4.20
C SER A 105 25.77 -8.28 -5.35
N ASN A 106 26.02 -7.44 -6.36
CA ASN A 106 27.00 -7.72 -7.44
C ASN A 106 28.37 -7.11 -7.09
N GLY A 107 28.56 -6.58 -5.87
CA GLY A 107 29.86 -6.10 -5.36
C GLY A 107 30.08 -4.60 -5.50
N ASP A 108 29.21 -3.87 -6.20
CA ASP A 108 29.33 -2.40 -6.37
C ASP A 108 29.07 -1.71 -5.01
N SER A 109 29.81 -0.64 -4.76
CA SER A 109 29.62 0.22 -3.58
C SER A 109 28.30 0.99 -3.74
N VAL A 110 27.53 1.06 -2.66
CA VAL A 110 26.31 1.90 -2.56
C VAL A 110 26.79 3.35 -2.44
N THR A 111 26.50 4.16 -3.45
CA THR A 111 26.94 5.57 -3.54
C THR A 111 25.69 6.46 -3.54
N ALA A 112 25.85 7.74 -3.23
CA ALA A 112 24.79 8.77 -3.28
C ALA A 112 24.24 8.89 -4.71
N LYS A 113 25.03 8.62 -5.75
CA LYS A 113 24.54 8.69 -7.16
C LYS A 113 23.42 7.67 -7.37
N ASP A 114 23.40 6.57 -6.64
CA ASP A 114 22.30 5.59 -6.73
C ASP A 114 20.99 6.25 -6.28
N PHE A 115 21.05 7.19 -5.34
CA PHE A 115 19.88 7.94 -4.86
C PHE A 115 19.50 9.02 -5.89
N VAL A 116 20.48 9.73 -6.43
CA VAL A 116 20.25 10.66 -7.57
C VAL A 116 19.50 9.90 -8.67
N PHE A 117 20.01 8.75 -9.09
CA PHE A 117 19.48 8.06 -10.30
C PHE A 117 18.05 7.61 -10.05
N ALA A 118 17.81 6.88 -8.96
CA ALA A 118 16.51 6.28 -8.57
C ALA A 118 15.44 7.36 -8.51
N TRP A 119 15.71 8.52 -7.88
CA TRP A 119 14.74 9.62 -7.71
C TRP A 119 14.47 10.32 -9.06
N GLN A 120 15.48 10.52 -9.90
CA GLN A 120 15.30 11.08 -11.27
C GLN A 120 14.50 10.08 -12.11
N ARG A 121 14.69 8.78 -11.89
CA ARG A 121 14.01 7.76 -12.71
C ARG A 121 12.56 7.68 -12.26
N LEU A 122 12.27 7.77 -10.96
CA LEU A 122 10.88 7.73 -10.45
C LEU A 122 10.09 8.89 -11.06
N LEU A 123 10.70 10.05 -11.15
CA LEU A 123 10.04 11.28 -11.67
C LEU A 123 10.17 11.44 -13.19
N ASP A 124 11.07 10.74 -13.87
CA ASP A 124 11.27 10.96 -15.34
C ASP A 124 9.97 10.59 -16.04
N PRO A 125 9.39 11.51 -16.84
CA PRO A 125 8.13 11.24 -17.55
C PRO A 125 8.10 9.91 -18.31
N LYS A 126 9.19 9.61 -19.02
CA LYS A 126 9.42 8.37 -19.81
C LYS A 126 9.25 7.11 -18.95
N THR A 127 9.45 7.20 -17.64
CA THR A 127 9.32 6.03 -16.72
C THR A 127 7.83 5.68 -16.55
N ALA A 128 6.92 6.68 -16.60
CA ALA A 128 5.45 6.52 -16.44
C ALA A 128 5.16 5.84 -15.11
N ALA A 129 5.78 6.34 -14.04
CA ALA A 129 5.69 5.77 -12.69
C ALA A 129 4.42 6.29 -12.02
N GLU A 130 3.54 5.39 -11.63
CA GLU A 130 2.28 5.74 -10.93
C GLU A 130 2.57 6.28 -9.51
N TYR A 131 3.80 6.17 -8.98
CA TYR A 131 4.16 6.66 -7.62
C TYR A 131 5.12 7.85 -7.66
N ALA A 132 5.26 8.45 -8.83
CA ALA A 132 6.09 9.65 -9.05
C ALA A 132 5.71 10.70 -8.00
N PHE A 133 4.42 10.83 -7.67
CA PHE A 133 3.85 11.92 -6.81
C PHE A 133 4.45 11.87 -5.40
N ILE A 134 4.81 10.69 -4.90
CA ILE A 134 5.27 10.56 -3.48
C ILE A 134 6.62 11.24 -3.31
N ALA A 135 7.29 11.61 -4.42
CA ALA A 135 8.59 12.32 -4.49
C ALA A 135 8.42 13.82 -4.82
N PHE A 136 7.19 14.33 -4.92
CA PHE A 136 6.94 15.77 -5.24
C PHE A 136 7.51 16.71 -4.16
N PRO A 137 7.57 16.34 -2.86
CA PRO A 137 8.24 17.17 -1.86
C PRO A 137 9.67 17.62 -2.19
N ILE A 138 10.41 16.81 -2.94
CA ILE A 138 11.75 17.21 -3.48
C ILE A 138 11.56 18.44 -4.37
N LYS A 139 12.49 19.38 -4.29
CA LYS A 139 12.51 20.58 -5.14
C LYS A 139 12.51 20.20 -6.62
N ASN A 140 11.62 20.80 -7.41
CA ASN A 140 11.56 20.69 -8.90
C ASN A 140 11.02 19.32 -9.34
N ALA A 141 10.64 18.47 -8.39
CA ALA A 141 10.19 17.09 -8.64
C ALA A 141 8.95 17.12 -9.54
N GLU A 142 7.97 17.95 -9.20
CA GLU A 142 6.68 17.97 -9.93
C GLU A 142 6.91 18.61 -11.30
N ALA A 143 7.80 19.60 -11.37
CA ALA A 143 8.18 20.24 -12.64
C ALA A 143 8.88 19.19 -13.52
N VAL A 144 9.70 18.31 -12.91
CA VAL A 144 10.41 17.24 -13.67
C VAL A 144 9.37 16.27 -14.22
N ASN A 145 8.39 15.92 -13.38
CA ASN A 145 7.38 14.87 -13.67
C ASN A 145 6.41 15.38 -14.74
N LYS A 146 6.15 16.68 -14.73
CA LYS A 146 5.35 17.37 -15.78
C LYS A 146 6.19 17.54 -17.06
N GLY A 147 7.52 17.62 -16.93
CA GLY A 147 8.48 17.75 -18.06
C GLY A 147 8.91 19.19 -18.34
N GLU A 148 8.70 20.11 -17.38
CA GLU A 148 8.99 21.56 -17.46
C GLU A 148 10.50 21.79 -17.33
N LYS A 149 11.21 21.02 -16.51
CA LYS A 149 12.70 21.05 -16.38
C LYS A 149 13.30 19.65 -16.63
N PRO A 150 14.57 19.57 -17.10
CA PRO A 150 15.29 18.29 -17.19
C PRO A 150 15.42 17.59 -15.82
N VAL A 151 15.65 16.27 -15.82
CA VAL A 151 15.76 15.46 -14.57
C VAL A 151 16.96 15.98 -13.75
N THR A 152 18.00 16.53 -14.40
CA THR A 152 19.26 16.98 -13.75
C THR A 152 18.99 18.14 -12.77
N GLU A 153 17.81 18.77 -12.85
CA GLU A 153 17.45 19.92 -11.97
C GLU A 153 16.82 19.40 -10.66
N LEU A 154 16.62 18.08 -10.52
CA LEU A 154 16.00 17.50 -9.30
C LEU A 154 16.84 17.92 -8.10
N GLY A 155 16.18 18.41 -7.04
CA GLY A 155 16.83 18.93 -5.82
C GLY A 155 17.50 17.82 -5.03
N VAL A 156 18.40 17.10 -5.68
CA VAL A 156 19.17 15.97 -5.07
C VAL A 156 20.51 15.89 -5.80
N LYS A 157 21.59 16.02 -5.05
CA LYS A 157 22.97 16.09 -5.59
C LYS A 157 23.85 15.10 -4.83
N ALA A 158 24.72 14.42 -5.57
CA ALA A 158 25.80 13.57 -5.04
C ALA A 158 27.07 14.41 -4.98
N VAL A 159 27.25 15.18 -3.92
CA VAL A 159 28.48 16.00 -3.70
C VAL A 159 29.67 15.03 -3.57
N ASP A 160 29.48 13.92 -2.86
CA ASP A 160 30.47 12.85 -2.62
C ASP A 160 29.79 11.54 -2.86
N ASP A 161 30.60 10.49 -3.04
CA ASP A 161 30.12 9.08 -2.96
C ASP A 161 29.28 8.88 -1.69
N LEU A 162 29.60 9.54 -0.58
CA LEU A 162 29.00 9.25 0.75
C LEU A 162 28.15 10.40 1.27
N THR A 163 27.99 11.47 0.49
CA THR A 163 27.20 12.68 0.87
C THR A 163 26.14 12.97 -0.19
N LEU A 164 24.88 12.81 0.21
CA LEU A 164 23.67 13.16 -0.57
C LEU A 164 22.99 14.37 0.09
N GLU A 165 22.96 15.50 -0.62
CA GLU A 165 22.15 16.66 -0.20
C GLU A 165 20.87 16.68 -1.04
N VAL A 166 19.78 17.08 -0.39
CA VAL A 166 18.40 16.97 -0.92
C VAL A 166 17.73 18.26 -0.54
N GLU A 167 17.30 19.02 -1.56
CA GLU A 167 16.54 20.28 -1.38
C GLU A 167 15.04 19.95 -1.51
N LEU A 168 14.23 20.48 -0.61
CA LEU A 168 12.76 20.31 -0.63
C LEU A 168 12.07 21.59 -1.13
N GLU A 169 10.87 21.43 -1.69
CA GLU A 169 9.95 22.53 -2.08
C GLU A 169 9.61 23.31 -0.81
N GLN A 170 9.23 22.59 0.23
CA GLN A 170 8.90 23.15 1.58
C GLN A 170 9.23 22.10 2.64
N ALA A 171 9.26 22.51 3.91
CA ALA A 171 9.61 21.67 5.07
C ALA A 171 8.53 20.59 5.24
N VAL A 172 8.94 19.33 5.32
CA VAL A 172 8.02 18.20 5.61
C VAL A 172 8.53 17.53 6.88
N PRO A 173 7.79 17.64 8.00
CA PRO A 173 8.27 17.09 9.26
C PRO A 173 8.46 15.57 9.26
N TYR A 174 7.82 14.85 8.34
CA TYR A 174 7.88 13.37 8.28
C TYR A 174 8.73 12.93 7.08
N PHE A 175 9.68 13.77 6.64
CA PHE A 175 10.51 13.49 5.44
C PHE A 175 11.45 12.33 5.74
N LEU A 176 12.01 12.26 6.94
CA LEU A 176 12.88 11.09 7.29
C LEU A 176 12.05 9.81 7.22
N ASN A 177 10.73 9.87 7.43
CA ASN A 177 9.79 8.72 7.25
C ASN A 177 9.66 8.43 5.76
N LEU A 178 9.57 9.44 4.90
CA LEU A 178 9.34 9.26 3.44
C LEU A 178 10.53 8.59 2.79
N VAL A 179 11.75 8.85 3.27
CA VAL A 179 12.97 8.24 2.67
C VAL A 179 13.11 6.81 3.15
N ALA A 180 12.26 6.36 4.08
CA ALA A 180 12.18 4.95 4.48
C ALA A 180 11.05 4.24 3.72
N PHE A 181 10.38 4.93 2.79
CA PHE A 181 9.25 4.38 1.98
C PHE A 181 9.85 3.80 0.70
N PRO A 182 9.42 2.61 0.26
CA PRO A 182 10.08 1.93 -0.86
C PRO A 182 10.29 2.74 -2.16
N SER A 183 9.40 3.66 -2.52
CA SER A 183 9.58 4.48 -3.76
C SER A 183 10.83 5.36 -3.71
N TYR A 184 11.42 5.56 -2.54
CA TYR A 184 12.64 6.38 -2.33
C TYR A 184 13.88 5.49 -2.26
N TYR A 185 13.74 4.16 -2.31
CA TYR A 185 14.89 3.23 -2.34
C TYR A 185 15.83 3.54 -3.51
N PRO A 186 17.14 3.30 -3.35
CA PRO A 186 18.11 3.52 -4.41
C PRO A 186 18.13 2.44 -5.50
N LEU A 187 18.83 2.70 -6.62
CA LEU A 187 18.94 1.81 -7.79
C LEU A 187 20.38 1.83 -8.29
N ASN A 188 20.90 0.70 -8.75
CA ASN A 188 22.25 0.60 -9.34
C ASN A 188 22.08 0.95 -10.82
N GLU A 189 22.49 2.15 -11.23
CA GLU A 189 22.21 2.64 -12.60
C GLU A 189 22.80 1.69 -13.63
N LYS A 190 24.05 1.34 -13.44
CA LYS A 190 24.79 0.48 -14.42
C LYS A 190 24.01 -0.83 -14.55
N PHE A 191 23.52 -1.40 -13.45
CA PHE A 191 22.79 -2.67 -13.50
C PHE A 191 21.42 -2.48 -14.19
N VAL A 192 20.65 -1.44 -13.82
CA VAL A 192 19.32 -1.12 -14.43
C VAL A 192 19.48 -0.85 -15.93
N LYS A 193 20.48 -0.06 -16.35
CA LYS A 193 20.71 0.27 -17.79
C LYS A 193 21.05 -1.00 -18.58
N GLU A 194 21.90 -1.86 -18.01
CA GLU A 194 22.30 -3.15 -18.65
C GLU A 194 21.08 -4.06 -18.83
N LYS A 195 20.16 -4.12 -17.87
CA LYS A 195 19.03 -5.09 -17.94
C LYS A 195 17.87 -4.47 -18.73
N GLY A 196 17.87 -3.14 -18.89
CA GLY A 196 16.84 -2.40 -19.64
C GLY A 196 15.44 -2.73 -19.15
N ASP A 197 14.56 -3.15 -20.06
CA ASP A 197 13.12 -3.37 -19.80
C ASP A 197 12.94 -4.75 -19.15
N LYS A 198 14.01 -5.54 -19.01
CA LYS A 198 14.01 -6.76 -18.18
C LYS A 198 14.25 -6.42 -16.71
N TYR A 199 14.68 -5.19 -16.39
CA TYR A 199 14.99 -4.76 -15.01
C TYR A 199 13.75 -4.97 -14.13
N GLY A 200 13.92 -5.70 -13.03
CA GLY A 200 12.89 -5.87 -11.99
C GLY A 200 11.84 -6.89 -12.33
N LEU A 201 11.92 -7.59 -13.46
CA LEU A 201 10.95 -8.66 -13.80
C LEU A 201 11.44 -10.04 -13.33
N GLU A 202 12.72 -10.19 -12.95
CA GLU A 202 13.31 -11.52 -12.62
C GLU A 202 14.23 -11.37 -11.42
N SER A 203 14.48 -12.44 -10.69
CA SER A 203 15.35 -12.36 -9.50
C SER A 203 16.81 -12.13 -9.93
N ASP A 204 17.21 -12.59 -11.12
CA ASP A 204 18.59 -12.39 -11.65
C ASP A 204 18.66 -11.11 -12.54
N THR A 205 17.55 -10.39 -12.72
CA THR A 205 17.51 -9.08 -13.40
C THR A 205 17.18 -7.96 -12.39
N THR A 206 17.39 -8.24 -11.11
CA THR A 206 17.33 -7.25 -10.01
C THR A 206 18.60 -7.45 -9.14
N VAL A 207 19.14 -6.35 -8.63
CA VAL A 207 20.35 -6.33 -7.77
C VAL A 207 19.93 -5.66 -6.45
N TYR A 208 20.60 -6.00 -5.36
CA TYR A 208 20.10 -5.82 -3.99
C TYR A 208 21.15 -5.16 -3.11
N ASN A 209 20.72 -4.14 -2.36
CA ASN A 209 21.53 -3.54 -1.27
C ASN A 209 20.86 -3.81 0.09
N GLY A 210 19.88 -4.71 0.17
CA GLY A 210 19.19 -5.00 1.44
C GLY A 210 19.80 -6.16 2.22
N PRO A 211 19.21 -6.48 3.39
CA PRO A 211 19.64 -7.58 4.25
C PRO A 211 19.58 -8.95 3.57
N PHE A 212 18.69 -9.10 2.59
CA PHE A 212 18.46 -10.38 1.90
C PHE A 212 18.55 -10.10 0.42
N VAL A 213 18.76 -11.13 -0.38
CA VAL A 213 18.67 -11.03 -1.87
C VAL A 213 17.46 -11.87 -2.29
N LEU A 214 16.82 -11.48 -3.39
CA LEU A 214 15.72 -12.27 -3.98
C LEU A 214 16.33 -13.27 -4.97
N THR A 215 16.09 -14.58 -4.75
CA THR A 215 16.50 -15.71 -5.64
C THR A 215 15.34 -16.67 -5.88
N ASP A 216 15.47 -17.48 -6.94
CA ASP A 216 14.58 -18.62 -7.29
C ASP A 216 13.14 -18.11 -7.41
N TRP A 217 12.95 -16.95 -8.06
CA TRP A 217 11.62 -16.31 -8.28
C TRP A 217 10.94 -17.01 -9.46
N LYS A 218 10.15 -18.03 -9.13
CA LYS A 218 9.29 -18.79 -10.06
C LYS A 218 7.93 -18.09 -10.08
N HIS A 219 7.58 -17.44 -11.19
CA HIS A 219 6.38 -16.59 -11.30
C HIS A 219 5.14 -17.41 -10.94
N GLU A 220 4.28 -16.85 -10.09
CA GLU A 220 3.00 -17.46 -9.65
C GLU A 220 3.26 -18.70 -8.78
N GLN A 221 4.53 -19.03 -8.42
CA GLN A 221 4.85 -20.27 -7.63
C GLN A 221 5.49 -19.93 -6.28
N GLY A 222 6.62 -19.23 -6.28
CA GLY A 222 7.36 -18.98 -5.03
C GLY A 222 8.64 -18.25 -5.32
N TRP A 223 9.38 -18.02 -4.24
CA TRP A 223 10.66 -17.28 -4.30
C TRP A 223 11.32 -17.37 -2.93
N LYS A 224 12.60 -17.03 -2.87
CA LYS A 224 13.40 -17.14 -1.64
C LYS A 224 14.12 -15.81 -1.41
N LEU A 225 14.17 -15.42 -0.14
CA LEU A 225 15.07 -14.37 0.39
C LEU A 225 16.25 -15.09 1.03
N LYS A 226 17.46 -14.88 0.52
CA LYS A 226 18.68 -15.43 1.16
C LYS A 226 19.50 -14.29 1.74
N LYS A 227 20.06 -14.54 2.92
CA LYS A 227 20.91 -13.56 3.65
C LYS A 227 21.92 -13.00 2.65
N ASN A 228 22.06 -11.69 2.53
CA ASN A 228 22.99 -11.07 1.56
C ASN A 228 24.36 -11.01 2.23
N ASP A 229 25.36 -11.71 1.71
CA ASP A 229 26.71 -11.72 2.33
C ASP A 229 27.39 -10.38 2.01
N GLN A 230 26.87 -9.56 1.08
CA GLN A 230 27.50 -8.26 0.69
C GLN A 230 26.90 -7.08 1.48
N TYR A 231 26.02 -7.34 2.44
CA TYR A 231 25.32 -6.30 3.25
C TYR A 231 26.17 -5.89 4.46
N TRP A 232 26.37 -4.60 4.67
CA TRP A 232 27.29 -4.03 5.70
C TRP A 232 26.85 -4.49 7.11
N ASP A 233 25.55 -4.69 7.32
CA ASP A 233 24.97 -5.02 8.64
C ASP A 233 24.58 -6.50 8.69
N LYS A 234 25.19 -7.32 7.85
CA LYS A 234 24.98 -8.79 7.81
C LYS A 234 25.21 -9.38 9.20
N LYS A 235 26.04 -8.78 10.07
CA LYS A 235 26.27 -9.34 11.44
C LYS A 235 24.95 -9.34 12.21
N THR A 236 24.05 -8.39 11.97
CA THR A 236 22.74 -8.25 12.67
C THR A 236 21.72 -9.26 12.12
N VAL A 237 21.81 -9.64 10.83
CA VAL A 237 20.85 -10.56 10.14
C VAL A 237 21.15 -12.01 10.58
N LYS A 238 20.20 -12.66 11.25
CA LYS A 238 20.31 -14.05 11.76
C LYS A 238 19.63 -15.02 10.79
N LEU A 239 18.53 -14.68 10.11
CA LEU A 239 17.90 -15.64 9.16
C LEU A 239 18.85 -15.88 7.97
N ASP A 240 19.05 -17.14 7.59
CA ASP A 240 19.81 -17.52 6.36
C ASP A 240 18.86 -17.49 5.15
N GLU A 241 17.59 -17.85 5.34
CA GLU A 241 16.63 -17.74 4.21
C GLU A 241 15.20 -17.62 4.71
N ILE A 242 14.39 -16.89 3.93
CA ILE A 242 12.92 -16.88 4.01
C ILE A 242 12.35 -17.50 2.73
N ASN A 243 11.62 -18.60 2.87
CA ASN A 243 10.94 -19.31 1.76
C ASN A 243 9.48 -18.87 1.63
N TYR A 244 9.08 -18.58 0.39
CA TYR A 244 7.73 -18.09 0.00
C TYR A 244 7.17 -19.03 -1.06
N SER A 245 5.91 -19.39 -0.85
CA SER A 245 5.06 -20.12 -1.81
C SER A 245 3.84 -19.24 -2.04
N VAL A 246 3.40 -19.18 -3.29
CA VAL A 246 2.07 -18.59 -3.60
C VAL A 246 1.02 -19.63 -3.22
N VAL A 247 0.19 -19.34 -2.24
CA VAL A 247 -0.97 -20.18 -1.85
C VAL A 247 -2.21 -19.29 -1.72
N LYS A 248 -3.24 -19.60 -2.51
CA LYS A 248 -4.44 -18.76 -2.70
C LYS A 248 -5.62 -19.23 -1.84
N GLU A 249 -5.51 -20.39 -1.17
CA GLU A 249 -6.61 -20.99 -0.35
C GLU A 249 -6.22 -21.03 1.13
N PRO A 250 -6.89 -20.23 1.98
CA PRO A 250 -6.74 -20.33 3.43
C PRO A 250 -6.71 -21.75 4.03
N ALA A 251 -7.46 -22.70 3.47
CA ALA A 251 -7.51 -24.11 3.97
C ALA A 251 -6.13 -24.78 3.79
N THR A 252 -5.47 -24.56 2.67
CA THR A 252 -4.08 -25.03 2.38
C THR A 252 -3.12 -24.36 3.37
N ASN A 253 -3.31 -23.08 3.69
CA ASN A 253 -2.43 -22.35 4.64
C ASN A 253 -2.53 -22.95 6.05
N VAL A 254 -3.73 -23.30 6.49
CA VAL A 254 -3.95 -23.89 7.85
C VAL A 254 -3.27 -25.27 7.90
N ASN A 255 -3.34 -26.05 6.80
CA ASN A 255 -2.72 -27.39 6.71
C ASN A 255 -1.20 -27.24 6.75
N LEU A 256 -0.64 -26.34 5.94
CA LEU A 256 0.84 -26.12 5.90
C LEU A 256 1.35 -25.72 7.30
N TYR A 257 0.62 -24.86 8.01
CA TYR A 257 1.04 -24.34 9.34
C TYR A 257 1.01 -25.49 10.35
N ASP A 258 -0.10 -26.22 10.41
CA ASP A 258 -0.31 -27.32 11.39
C ASP A 258 0.73 -28.41 11.20
N SER A 259 1.13 -28.67 9.95
CA SER A 259 2.08 -29.76 9.64
C SER A 259 3.53 -29.28 9.87
N GLY A 260 3.74 -27.97 10.02
CA GLY A 260 5.05 -27.37 10.30
C GLY A 260 5.71 -26.96 9.01
N GLN A 261 5.01 -27.06 7.90
CA GLN A 261 5.61 -26.72 6.59
C GLN A 261 5.85 -25.20 6.55
N ILE A 262 4.99 -24.40 7.18
CA ILE A 262 5.21 -22.93 7.23
C ILE A 262 5.20 -22.45 8.68
N ASP A 263 5.81 -21.29 8.95
CA ASP A 263 5.96 -20.73 10.31
C ASP A 263 4.89 -19.67 10.63
N PHE A 264 4.12 -19.24 9.63
CA PHE A 264 3.23 -18.04 9.70
C PHE A 264 2.08 -18.20 8.71
N SER A 265 0.89 -17.80 9.14
CA SER A 265 -0.31 -17.75 8.26
C SER A 265 -1.27 -16.69 8.78
N LEU A 266 -1.82 -15.89 7.86
CA LEU A 266 -3.05 -15.10 8.08
C LEU A 266 -4.21 -16.07 8.25
N LEU A 267 -5.24 -15.64 8.97
CA LEU A 267 -6.46 -16.42 9.24
C LEU A 267 -7.68 -15.56 8.89
N THR A 268 -8.62 -16.11 8.11
CA THR A 268 -9.91 -15.45 7.80
C THR A 268 -11.03 -16.47 8.00
N GLY A 269 -12.25 -16.00 8.19
CA GLY A 269 -13.47 -16.83 8.18
C GLY A 269 -13.43 -17.85 9.31
N GLU A 270 -13.82 -19.08 9.02
CA GLU A 270 -13.97 -20.18 10.01
C GLU A 270 -12.58 -20.54 10.59
N PHE A 271 -11.51 -20.31 9.84
CA PHE A 271 -10.13 -20.76 10.16
C PHE A 271 -9.57 -19.95 11.35
N VAL A 272 -10.13 -18.78 11.67
CA VAL A 272 -9.74 -17.98 12.87
C VAL A 272 -10.22 -18.69 14.14
N ASP A 273 -11.38 -19.33 14.13
CA ASP A 273 -12.03 -19.89 15.34
C ASP A 273 -11.09 -20.89 16.02
N LYS A 274 -10.44 -21.74 15.25
CA LYS A 274 -9.54 -22.83 15.77
C LYS A 274 -8.36 -22.29 16.63
N TYR A 275 -7.79 -21.13 16.28
CA TYR A 275 -6.50 -20.64 16.86
C TYR A 275 -6.71 -19.47 17.82
N ARG A 276 -7.91 -18.89 17.86
CA ARG A 276 -8.22 -17.60 18.52
C ARG A 276 -7.76 -17.66 19.98
N ASN A 277 -7.80 -18.83 20.60
CA ASN A 277 -7.55 -19.02 22.05
C ASN A 277 -6.07 -19.35 22.34
N ASN A 278 -5.17 -19.40 21.34
CA ASN A 278 -3.79 -19.92 21.54
C ASN A 278 -2.89 -18.70 21.76
N LYS A 279 -2.51 -18.46 23.02
CA LYS A 279 -1.79 -17.23 23.41
C LYS A 279 -0.34 -17.29 22.94
N GLU A 280 0.22 -18.46 22.71
CA GLU A 280 1.62 -18.64 22.23
C GLU A 280 1.76 -18.22 20.76
N GLU A 281 0.73 -18.44 19.92
CA GLU A 281 0.83 -18.42 18.44
C GLU A 281 -0.10 -17.37 17.83
N TYR A 282 -1.29 -17.18 18.36
CA TYR A 282 -2.29 -16.26 17.77
C TYR A 282 -1.95 -14.82 18.12
N GLY A 283 -1.94 -13.94 17.12
CA GLY A 283 -1.94 -12.48 17.29
C GLY A 283 -2.98 -11.81 16.39
N VAL A 284 -3.21 -10.54 16.65
CA VAL A 284 -4.01 -9.68 15.73
C VAL A 284 -3.13 -8.47 15.38
N TYR A 285 -2.90 -8.23 14.08
CA TYR A 285 -2.33 -6.94 13.60
C TYR A 285 -3.46 -5.94 13.34
N ASN A 286 -3.56 -4.90 14.16
CA ASN A 286 -4.56 -3.81 14.02
C ASN A 286 -4.00 -2.75 13.09
N GLU A 287 -4.42 -2.74 11.83
CA GLU A 287 -3.75 -1.98 10.74
C GLU A 287 -4.52 -0.67 10.53
N PRO A 288 -3.84 0.49 10.50
CA PRO A 288 -4.46 1.71 9.97
C PRO A 288 -4.61 1.59 8.44
N SER A 289 -5.56 0.78 8.01
CA SER A 289 -5.73 0.41 6.58
C SER A 289 -7.20 0.03 6.32
N THR A 290 -7.74 0.50 5.21
CA THR A 290 -9.18 0.30 4.85
C THR A 290 -9.30 -0.31 3.44
N PHE A 291 -10.28 -1.19 3.30
CA PHE A 291 -10.72 -1.81 2.04
C PHE A 291 -12.06 -1.18 1.68
N PHE A 292 -12.32 -1.11 0.37
CA PHE A 292 -13.40 -0.30 -0.20
C PHE A 292 -13.75 -0.81 -1.61
N ILE A 293 -14.88 -0.34 -2.13
CA ILE A 293 -15.27 -0.60 -3.54
C ILE A 293 -15.05 0.68 -4.34
N ARG A 294 -14.12 0.64 -5.29
CA ARG A 294 -13.92 1.71 -6.30
C ARG A 294 -15.11 1.73 -7.26
N LEU A 295 -15.68 2.90 -7.54
CA LEU A 295 -16.76 3.08 -8.55
C LEU A 295 -16.19 3.82 -9.76
N ASN A 296 -15.83 3.05 -10.79
CA ASN A 296 -15.31 3.61 -12.08
C ASN A 296 -16.45 4.23 -12.90
N GLN A 297 -16.35 5.54 -13.15
CA GLN A 297 -17.34 6.35 -13.90
C GLN A 297 -17.03 6.30 -15.40
N LYS A 298 -15.87 5.86 -15.82
CA LYS A 298 -15.54 5.88 -17.26
C LYS A 298 -14.63 4.69 -17.57
N ARG A 299 -15.18 3.68 -18.26
CA ARG A 299 -14.47 2.43 -18.58
C ARG A 299 -13.84 2.63 -19.96
N GLY A 300 -12.51 2.49 -20.03
CA GLY A 300 -11.68 3.06 -21.11
C GLY A 300 -11.94 4.56 -21.29
N GLY A 301 -12.82 4.92 -22.23
CA GLY A 301 -13.20 6.33 -22.47
C GLY A 301 -14.70 6.49 -22.62
N GLN A 302 -15.46 5.48 -22.16
CA GLN A 302 -16.93 5.50 -22.25
C GLN A 302 -17.49 5.52 -20.84
N ASP A 303 -18.57 6.29 -20.63
CA ASP A 303 -19.26 6.44 -19.31
C ASP A 303 -19.83 5.06 -18.91
N THR A 304 -19.90 4.81 -17.61
CA THR A 304 -20.48 3.59 -16.99
C THR A 304 -21.70 4.04 -16.22
N PRO A 305 -22.60 3.13 -15.81
CA PRO A 305 -23.73 3.53 -14.99
C PRO A 305 -23.26 4.22 -13.69
N LEU A 306 -21.99 4.06 -13.31
CA LEU A 306 -21.45 4.68 -12.07
C LEU A 306 -21.28 6.20 -12.25
N LYS A 307 -21.53 6.80 -13.42
CA LYS A 307 -21.61 8.29 -13.51
C LYS A 307 -22.78 8.76 -12.63
N SER A 308 -23.80 7.93 -12.38
CA SER A 308 -25.01 8.29 -11.59
C SER A 308 -24.67 8.43 -10.10
N LYS A 309 -24.79 9.65 -9.55
CA LYS A 309 -24.62 9.96 -8.11
C LYS A 309 -25.62 9.14 -7.30
N LYS A 310 -26.80 8.84 -7.84
CA LYS A 310 -27.85 8.07 -7.12
C LYS A 310 -27.53 6.59 -7.15
N LEU A 311 -26.90 6.07 -8.22
CA LEU A 311 -26.47 4.65 -8.28
C LEU A 311 -25.35 4.41 -7.25
N ARG A 312 -24.34 5.28 -7.25
CA ARG A 312 -23.17 5.20 -6.34
C ARG A 312 -23.68 5.29 -4.90
N GLU A 313 -24.68 6.15 -4.65
CA GLU A 313 -25.35 6.30 -3.34
C GLU A 313 -26.04 5.00 -2.98
N ALA A 314 -26.72 4.36 -3.95
CA ALA A 314 -27.53 3.12 -3.76
C ALA A 314 -26.62 1.92 -3.46
N ILE A 315 -25.46 1.86 -4.10
CA ILE A 315 -24.45 0.81 -3.85
C ILE A 315 -23.88 1.00 -2.44
N ALA A 316 -23.71 2.23 -1.97
CA ALA A 316 -23.14 2.50 -0.61
C ALA A 316 -24.15 2.14 0.50
N LEU A 317 -25.44 2.11 0.19
CA LEU A 317 -26.55 1.94 1.16
C LEU A 317 -26.98 0.46 1.25
N SER A 318 -26.55 -0.36 0.30
CA SER A 318 -27.11 -1.71 0.06
C SER A 318 -26.29 -2.80 0.76
N ILE A 319 -25.14 -2.45 1.36
CA ILE A 319 -24.16 -3.44 1.93
C ILE A 319 -24.17 -3.32 3.45
N ASP A 320 -24.81 -4.28 4.12
CA ASP A 320 -24.68 -4.47 5.58
C ASP A 320 -23.23 -4.93 5.83
N LYS A 321 -22.39 -4.04 6.31
CA LYS A 321 -20.95 -4.33 6.53
C LYS A 321 -20.74 -5.16 7.81
N LYS A 322 -21.69 -5.20 8.75
CA LYS A 322 -21.55 -5.88 10.07
C LYS A 322 -21.38 -7.38 9.84
N ASN A 323 -22.12 -7.93 8.88
CA ASN A 323 -22.10 -9.39 8.59
C ASN A 323 -20.84 -9.72 7.78
N LEU A 324 -20.31 -8.76 7.03
CA LEU A 324 -19.10 -8.94 6.17
C LEU A 324 -17.89 -9.18 7.07
N THR A 325 -17.77 -8.40 8.16
CA THR A 325 -16.57 -8.38 9.04
C THR A 325 -16.72 -9.44 10.13
N ASN A 326 -17.93 -9.67 10.63
CA ASN A 326 -18.15 -10.58 11.79
C ASN A 326 -18.25 -12.05 11.38
N VAL A 327 -18.76 -12.36 10.19
CA VAL A 327 -18.89 -13.77 9.68
C VAL A 327 -17.81 -14.07 8.62
N ILE A 328 -17.60 -13.20 7.63
CA ILE A 328 -16.80 -13.60 6.44
C ILE A 328 -15.31 -13.42 6.74
N LEU A 329 -14.93 -12.22 7.16
CA LEU A 329 -13.56 -11.87 7.63
C LEU A 329 -13.27 -12.54 8.97
N ASN A 330 -14.03 -12.27 10.03
CA ASN A 330 -13.99 -13.01 11.32
C ASN A 330 -12.62 -12.82 11.99
N ASP A 331 -11.89 -11.74 11.72
CA ASP A 331 -10.45 -11.66 12.05
C ASP A 331 -10.10 -10.42 12.87
N GLY A 332 -11.07 -9.69 13.41
CA GLY A 332 -10.85 -8.39 14.10
C GLY A 332 -11.06 -7.18 13.20
N SER A 333 -11.30 -7.35 11.89
CA SER A 333 -11.72 -6.24 10.99
C SER A 333 -13.00 -5.57 11.52
N LYS A 334 -13.07 -4.25 11.42
CA LYS A 334 -14.20 -3.41 11.91
C LYS A 334 -14.99 -2.94 10.69
N PRO A 335 -16.33 -2.92 10.77
CA PRO A 335 -17.14 -2.28 9.74
C PRO A 335 -16.74 -0.80 9.56
N ALA A 336 -16.68 -0.30 8.34
CA ALA A 336 -16.28 1.11 8.11
C ALA A 336 -17.18 1.77 7.05
N ASP A 337 -17.80 2.88 7.40
CA ASP A 337 -18.41 3.83 6.44
C ASP A 337 -17.33 4.88 6.07
N TYR A 338 -16.23 4.94 6.81
CA TYR A 338 -15.17 5.97 6.60
C TYR A 338 -14.03 5.40 5.74
N LEU A 339 -13.24 6.29 5.14
CA LEU A 339 -12.08 5.89 4.30
C LEU A 339 -10.81 6.04 5.15
N VAL A 340 -10.56 7.23 5.72
CA VAL A 340 -9.36 7.50 6.57
C VAL A 340 -9.47 6.61 7.79
N PRO A 341 -8.58 5.62 7.97
CA PRO A 341 -8.72 4.67 9.06
C PRO A 341 -8.43 5.29 10.45
N LYS A 342 -9.06 4.70 11.47
CA LYS A 342 -8.84 5.04 12.89
C LYS A 342 -7.40 4.65 13.29
N GLY A 343 -6.76 5.52 14.09
CA GLY A 343 -5.40 5.34 14.62
C GLY A 343 -4.32 5.63 13.59
N LEU A 344 -4.67 6.22 12.42
CA LEU A 344 -3.66 6.65 11.42
C LEU A 344 -2.94 7.90 11.95
N ALA A 345 -3.69 8.94 12.31
CA ALA A 345 -3.11 10.24 12.71
C ALA A 345 -4.07 10.95 13.66
N ALA A 346 -3.50 11.82 14.48
CA ALA A 346 -4.21 12.59 15.52
C ALA A 346 -4.01 14.08 15.25
N GLY A 347 -5.00 14.90 15.59
CA GLY A 347 -4.93 16.33 15.27
C GLY A 347 -4.08 17.06 16.30
N PRO A 348 -3.98 18.40 16.18
CA PRO A 348 -3.21 19.22 17.12
C PRO A 348 -3.68 19.16 18.58
N ASP A 349 -4.87 18.60 18.84
CA ASP A 349 -5.43 18.39 20.20
C ASP A 349 -5.38 16.89 20.55
N GLY A 350 -4.83 16.04 19.69
CA GLY A 350 -4.53 14.64 20.03
C GLY A 350 -5.73 13.71 19.84
N LYS A 351 -6.80 14.22 19.25
CA LYS A 351 -8.04 13.43 18.98
C LYS A 351 -7.86 12.72 17.64
N ASP A 352 -8.17 11.43 17.56
CA ASP A 352 -7.99 10.63 16.32
C ASP A 352 -8.83 11.25 15.18
N PHE A 353 -8.32 11.26 13.94
CA PHE A 353 -9.00 11.91 12.80
C PHE A 353 -10.37 11.27 12.61
N GLN A 354 -10.45 9.95 12.64
CA GLN A 354 -11.72 9.29 12.29
C GLN A 354 -12.71 9.34 13.46
N GLU A 355 -12.25 9.42 14.70
CA GLU A 355 -13.17 9.53 15.87
C GLU A 355 -13.79 10.93 15.84
N THR A 356 -13.03 11.92 15.38
CA THR A 356 -13.50 13.33 15.29
C THR A 356 -14.65 13.45 14.28
N PHE A 357 -14.49 13.03 13.02
CA PHE A 357 -15.44 13.35 11.90
C PHE A 357 -16.43 12.20 11.72
N LYS A 358 -16.07 10.95 11.97
CA LYS A 358 -17.02 9.80 11.91
C LYS A 358 -17.77 9.83 10.58
N ASN A 359 -17.04 10.13 9.49
CA ASN A 359 -17.60 10.33 8.14
C ASN A 359 -18.08 9.00 7.58
N GLY A 360 -18.94 9.08 6.56
CA GLY A 360 -19.39 7.92 5.76
C GLY A 360 -20.90 7.86 5.65
N VAL A 361 -21.38 7.11 4.66
CA VAL A 361 -22.83 6.81 4.51
C VAL A 361 -23.09 5.55 5.33
N LYS A 362 -24.14 5.60 6.15
CA LYS A 362 -24.64 4.45 6.93
C LYS A 362 -25.53 3.62 6.01
N PRO A 363 -25.22 2.32 5.81
CA PRO A 363 -26.08 1.46 5.00
C PRO A 363 -27.50 1.32 5.59
N ASP A 364 -28.47 1.31 4.68
CA ASP A 364 -29.91 1.09 4.93
C ASP A 364 -30.56 0.58 3.65
N ALA A 365 -31.01 -0.68 3.67
CA ALA A 365 -31.54 -1.42 2.50
C ALA A 365 -32.66 -0.60 1.84
N LYS A 366 -33.54 -0.02 2.64
CA LYS A 366 -34.74 0.72 2.15
C LYS A 366 -34.31 2.02 1.46
N LYS A 367 -33.44 2.85 2.09
CA LYS A 367 -32.87 4.07 1.45
C LYS A 367 -32.19 3.67 0.13
N ALA A 368 -31.59 2.48 0.10
CA ALA A 368 -30.82 1.98 -1.04
C ALA A 368 -31.78 1.77 -2.21
N ALA A 369 -32.89 1.07 -1.96
CA ALA A 369 -33.97 0.82 -2.95
C ALA A 369 -34.47 2.16 -3.48
N ALA A 370 -34.89 3.07 -2.60
CA ALA A 370 -35.49 4.38 -2.95
C ALA A 370 -34.48 5.23 -3.76
N ALA A 371 -33.18 5.16 -3.45
CA ALA A 371 -32.11 5.87 -4.22
C ALA A 371 -31.92 5.18 -5.58
N TRP A 372 -32.13 3.86 -5.65
CA TRP A 372 -31.99 3.07 -6.90
C TRP A 372 -33.19 3.31 -7.84
N GLU A 373 -34.40 3.51 -7.30
CA GLU A 373 -35.58 3.98 -8.08
C GLU A 373 -35.23 5.31 -8.75
N GLU A 374 -34.64 6.24 -8.01
CA GLU A 374 -34.22 7.58 -8.52
C GLU A 374 -33.16 7.37 -9.61
N ALA A 375 -32.37 6.30 -9.52
CA ALA A 375 -31.18 6.07 -10.38
C ALA A 375 -31.64 5.57 -11.76
N LYS A 376 -32.71 4.78 -11.79
CA LYS A 376 -33.37 4.32 -13.04
C LYS A 376 -33.70 5.52 -13.94
N LYS A 377 -34.19 6.64 -13.38
CA LYS A 377 -34.60 7.81 -14.20
C LYS A 377 -33.33 8.50 -14.75
N GLU A 378 -32.29 8.70 -13.90
CA GLU A 378 -31.00 9.37 -14.28
C GLU A 378 -30.39 8.68 -15.51
N LEU A 379 -30.42 7.35 -15.57
CA LEU A 379 -29.70 6.55 -16.61
C LEU A 379 -30.63 6.15 -17.77
N GLY A 380 -31.95 6.20 -17.60
CA GLY A 380 -32.94 5.83 -18.65
C GLY A 380 -33.12 4.31 -18.82
N LYS A 381 -32.76 3.52 -17.78
CA LYS A 381 -32.69 2.02 -17.76
C LYS A 381 -33.26 1.50 -16.44
N ASP A 382 -33.93 0.34 -16.42
CA ASP A 382 -34.38 -0.29 -15.15
C ASP A 382 -33.48 -1.50 -14.80
N GLN A 383 -32.76 -2.06 -15.77
CA GLN A 383 -31.81 -3.18 -15.56
C GLN A 383 -30.39 -2.72 -15.94
N VAL A 384 -29.43 -3.01 -15.07
CA VAL A 384 -28.02 -2.57 -15.18
C VAL A 384 -27.14 -3.79 -14.93
N THR A 385 -26.09 -3.94 -15.75
CA THR A 385 -25.03 -4.95 -15.58
C THR A 385 -23.72 -4.20 -15.26
N ILE A 386 -23.17 -4.38 -14.07
CA ILE A 386 -21.84 -3.80 -13.71
C ILE A 386 -20.91 -4.96 -13.38
N GLU A 387 -19.70 -4.94 -13.93
CA GLU A 387 -18.68 -5.99 -13.69
C GLU A 387 -17.97 -5.65 -12.37
N PHE A 388 -17.86 -6.64 -11.49
CA PHE A 388 -17.25 -6.49 -10.16
C PHE A 388 -15.86 -7.11 -10.23
N LEU A 389 -14.81 -6.31 -10.12
CA LEU A 389 -13.42 -6.84 -10.26
C LEU A 389 -12.86 -7.18 -8.86
N ASN A 390 -12.32 -8.39 -8.72
CA ASN A 390 -12.05 -9.07 -7.42
C ASN A 390 -10.71 -9.79 -7.53
N TYR A 391 -10.04 -10.04 -6.39
CA TYR A 391 -8.85 -10.93 -6.25
C TYR A 391 -9.33 -12.37 -6.53
N ASP A 392 -8.40 -13.29 -6.82
CA ASP A 392 -8.65 -14.72 -7.09
C ASP A 392 -8.26 -15.58 -5.88
N THR A 393 -8.35 -15.04 -4.66
CA THR A 393 -7.97 -15.74 -3.42
C THR A 393 -9.24 -16.22 -2.70
N GLY A 394 -9.10 -17.18 -1.79
CA GLY A 394 -10.21 -17.96 -1.22
C GLY A 394 -11.15 -17.09 -0.41
N ASN A 395 -10.61 -16.19 0.40
CA ASN A 395 -11.45 -15.33 1.27
C ASN A 395 -12.00 -14.12 0.49
N ALA A 396 -11.28 -13.62 -0.51
CA ALA A 396 -11.74 -12.53 -1.41
C ALA A 396 -12.94 -13.01 -2.25
N LYS A 397 -12.99 -14.27 -2.66
CA LYS A 397 -14.17 -14.84 -3.36
C LYS A 397 -15.41 -14.66 -2.49
N LYS A 398 -15.33 -15.10 -1.22
CA LYS A 398 -16.49 -15.05 -0.29
C LYS A 398 -16.93 -13.60 -0.09
N VAL A 399 -15.98 -12.66 0.02
CA VAL A 399 -16.29 -11.22 0.19
C VAL A 399 -17.02 -10.75 -1.07
N GLY A 400 -16.56 -11.18 -2.24
CA GLY A 400 -17.15 -10.78 -3.52
C GLY A 400 -18.59 -11.26 -3.65
N GLU A 401 -18.84 -12.53 -3.31
CA GLU A 401 -20.18 -13.17 -3.37
C GLU A 401 -21.15 -12.48 -2.40
N TYR A 402 -20.66 -12.12 -1.21
CA TYR A 402 -21.46 -11.40 -0.19
C TYR A 402 -21.93 -10.06 -0.76
N VAL A 403 -21.00 -9.26 -1.25
CA VAL A 403 -21.25 -7.87 -1.72
C VAL A 403 -22.20 -7.95 -2.93
N LYS A 404 -21.93 -8.90 -3.83
CA LYS A 404 -22.71 -9.13 -5.06
C LYS A 404 -24.15 -9.50 -4.66
N ASP A 405 -24.34 -10.32 -3.62
CA ASP A 405 -25.68 -10.73 -3.13
C ASP A 405 -26.36 -9.53 -2.46
N GLN A 406 -25.60 -8.67 -1.78
CA GLN A 406 -26.16 -7.50 -1.05
C GLN A 406 -26.68 -6.48 -2.08
N ILE A 407 -25.88 -6.17 -3.10
CA ILE A 407 -26.26 -5.17 -4.15
C ILE A 407 -27.47 -5.69 -4.95
N GLU A 408 -27.44 -6.95 -5.42
CA GLU A 408 -28.52 -7.57 -6.24
C GLU A 408 -29.83 -7.66 -5.46
N LYS A 409 -29.74 -7.94 -4.15
CA LYS A 409 -30.90 -8.12 -3.22
C LYS A 409 -31.59 -6.77 -2.96
N ASN A 410 -30.83 -5.67 -2.79
CA ASN A 410 -31.36 -4.33 -2.38
C ASN A 410 -31.58 -3.41 -3.58
N LEU A 411 -30.87 -3.64 -4.69
CA LEU A 411 -31.02 -2.88 -5.96
C LEU A 411 -31.56 -3.85 -7.00
N LYS A 412 -32.83 -4.22 -6.84
CA LYS A 412 -33.54 -5.24 -7.66
C LYS A 412 -33.52 -4.78 -9.13
N GLY A 413 -32.85 -5.54 -10.00
CA GLY A 413 -32.65 -5.19 -11.42
C GLY A 413 -31.20 -4.92 -11.75
N VAL A 414 -30.32 -4.80 -10.75
CA VAL A 414 -28.85 -4.69 -10.99
C VAL A 414 -28.24 -6.11 -11.03
N THR A 415 -27.55 -6.43 -12.13
CA THR A 415 -26.74 -7.65 -12.32
C THR A 415 -25.27 -7.26 -12.11
N VAL A 416 -24.62 -7.89 -11.15
CA VAL A 416 -23.17 -7.71 -10.83
C VAL A 416 -22.46 -9.01 -11.23
N ASN A 417 -21.61 -8.94 -12.25
CA ASN A 417 -20.80 -10.10 -12.71
C ASN A 417 -19.44 -10.00 -12.05
N ILE A 418 -19.10 -10.97 -11.21
CA ILE A 418 -17.77 -11.09 -10.55
C ILE A 418 -16.73 -11.53 -11.60
N LYS A 419 -15.59 -10.86 -11.60
CA LYS A 419 -14.37 -11.27 -12.35
C LYS A 419 -13.21 -11.35 -11.36
N LEU A 420 -12.73 -12.57 -11.12
CA LEU A 420 -11.52 -12.86 -10.34
C LEU A 420 -10.31 -12.62 -11.23
N GLN A 421 -9.30 -11.92 -10.72
CA GLN A 421 -8.01 -11.73 -11.42
C GLN A 421 -6.89 -11.85 -10.40
N PRO A 422 -5.71 -12.39 -10.76
CA PRO A 422 -4.52 -12.25 -9.94
C PRO A 422 -4.18 -10.75 -9.78
N PHE A 423 -3.36 -10.47 -8.78
CA PHE A 423 -3.17 -9.09 -8.26
C PHE A 423 -2.46 -8.26 -9.33
N LYS A 424 -1.39 -8.80 -9.90
CA LYS A 424 -0.61 -8.12 -10.97
C LYS A 424 -1.57 -7.66 -12.07
N GLN A 425 -2.45 -8.56 -12.53
CA GLN A 425 -3.33 -8.28 -13.69
C GLN A 425 -4.45 -7.34 -13.24
N LYS A 426 -4.95 -7.54 -12.01
CA LYS A 426 -6.00 -6.68 -11.39
C LYS A 426 -5.52 -5.22 -11.28
N LEU A 427 -4.28 -4.99 -10.88
CA LEU A 427 -3.68 -3.63 -10.71
C LEU A 427 -3.58 -2.95 -12.08
N LYS A 428 -3.27 -3.69 -13.14
CA LYS A 428 -3.15 -3.11 -14.51
C LYS A 428 -4.55 -2.75 -15.04
N LEU A 429 -5.57 -3.59 -14.85
CA LEU A 429 -6.99 -3.26 -15.19
C LEU A 429 -7.42 -1.98 -14.47
N GLU A 430 -7.13 -1.84 -13.17
CA GLU A 430 -7.51 -0.63 -12.38
C GLU A 430 -6.78 0.61 -12.94
N SER A 431 -5.46 0.61 -13.08
CA SER A 431 -4.70 1.79 -13.58
C SER A 431 -5.14 2.18 -15.00
N ASP A 432 -5.57 1.21 -15.80
CA ASP A 432 -6.10 1.39 -17.18
C ASP A 432 -7.58 1.75 -17.17
N GLN A 433 -8.25 1.67 -16.02
CA GLN A 433 -9.72 1.92 -15.88
C GLN A 433 -10.49 1.02 -16.84
N ASP A 434 -10.15 -0.26 -16.87
CA ASP A 434 -10.90 -1.30 -17.58
C ASP A 434 -11.67 -2.09 -16.53
N TYR A 435 -12.56 -1.44 -15.76
CA TYR A 435 -13.39 -2.12 -14.71
C TYR A 435 -14.60 -1.24 -14.43
N ASP A 436 -15.62 -1.76 -13.73
CA ASP A 436 -16.85 -0.99 -13.43
C ASP A 436 -16.85 -0.64 -11.94
N ILE A 437 -16.90 -1.67 -11.10
CA ILE A 437 -16.58 -1.52 -9.66
C ILE A 437 -15.46 -2.50 -9.33
N SER A 438 -14.62 -2.13 -8.36
CA SER A 438 -13.45 -2.93 -7.88
C SER A 438 -13.40 -2.93 -6.37
N TYR A 439 -13.11 -4.10 -5.80
CA TYR A 439 -12.76 -4.32 -4.38
C TYR A 439 -11.25 -4.25 -4.25
N GLY A 440 -10.78 -3.30 -3.46
CA GLY A 440 -9.36 -3.12 -3.17
C GLY A 440 -9.17 -2.47 -1.83
N GLY A 441 -7.92 -2.23 -1.47
CA GLY A 441 -7.54 -1.69 -0.16
C GLY A 441 -6.36 -0.77 -0.31
N TRP A 442 -6.21 0.17 0.62
CA TRP A 442 -5.12 1.16 0.59
C TRP A 442 -4.39 1.07 1.92
N SER A 443 -3.07 0.92 1.87
CA SER A 443 -2.19 0.99 3.06
C SER A 443 -1.53 2.37 3.05
N PRO A 444 -1.45 3.08 4.18
CA PRO A 444 -0.95 4.45 4.16
C PRO A 444 0.54 4.52 3.77
N ASP A 445 0.91 5.56 3.04
CA ASP A 445 2.33 5.83 2.71
C ASP A 445 2.98 6.66 3.83
N TYR A 446 2.17 7.30 4.68
CA TYR A 446 2.66 8.18 5.79
C TYR A 446 1.51 8.40 6.78
N ALA A 447 1.83 8.71 8.03
CA ALA A 447 0.87 8.78 9.16
C ALA A 447 0.11 10.10 9.12
N ASP A 448 -0.76 10.28 8.11
CA ASP A 448 -1.50 11.54 7.82
C ASP A 448 -2.67 11.25 6.89
N PRO A 449 -3.87 11.86 7.10
CA PRO A 449 -5.02 11.56 6.25
C PRO A 449 -4.88 11.86 4.75
N MSE A 450 -3.88 12.67 4.36
CA MSE A 450 -3.72 13.06 2.97
C MSE A 450 -3.37 11.87 2.07
O MSE A 450 -3.58 11.95 0.86
CB MSE A 450 -2.67 14.16 2.87
CG MSE A 450 -2.60 14.87 1.53
SE MSE A 450 -4.13 16.09 1.21
CE MSE A 450 -5.52 15.10 0.30
N THR A 451 -2.80 10.80 2.66
CA THR A 451 -2.40 9.61 1.93
C THR A 451 -3.62 8.84 1.41
N TYR A 452 -4.77 8.99 2.06
CA TYR A 452 -6.07 8.49 1.54
C TYR A 452 -6.77 9.50 0.65
N LEU A 453 -6.76 10.79 1.00
CA LEU A 453 -7.65 11.81 0.38
C LEU A 453 -7.08 12.36 -0.94
N ASP A 454 -5.75 12.44 -1.10
CA ASP A 454 -5.13 13.16 -2.25
C ASP A 454 -5.36 12.37 -3.53
N MSE A 455 -5.73 11.10 -3.40
CA MSE A 455 -5.84 10.18 -4.51
C MSE A 455 -6.99 10.55 -5.41
O MSE A 455 -6.96 10.25 -6.60
CB MSE A 455 -6.18 8.78 -4.01
CG MSE A 455 -5.01 7.99 -3.54
SE MSE A 455 -5.62 6.17 -3.29
CE MSE A 455 -6.64 6.10 -1.59
N PHE A 456 -8.04 11.13 -4.81
CA PHE A 456 -9.29 11.35 -5.50
C PHE A 456 -9.40 12.80 -5.99
N GLU A 457 -8.35 13.61 -5.94
CA GLU A 457 -8.41 14.91 -6.68
C GLU A 457 -8.31 14.63 -8.17
N SER A 458 -8.95 15.46 -8.98
CA SER A 458 -9.10 15.30 -10.44
C SER A 458 -7.75 14.94 -11.05
N LYS A 459 -7.66 13.81 -11.76
CA LYS A 459 -6.45 13.47 -12.58
C LYS A 459 -5.24 13.05 -11.72
N HIS A 460 -5.37 12.88 -10.41
CA HIS A 460 -4.30 12.32 -9.56
C HIS A 460 -4.06 10.87 -10.00
N SER A 461 -2.80 10.42 -9.94
CA SER A 461 -2.34 9.12 -10.49
C SER A 461 -3.27 7.99 -10.07
N HIS A 462 -3.73 7.95 -8.81
CA HIS A 462 -4.45 6.80 -8.19
C HIS A 462 -5.96 7.02 -8.05
N ASN A 463 -6.53 8.02 -8.74
CA ASN A 463 -8.00 8.25 -8.83
C ASN A 463 -8.61 6.98 -9.42
N GLN A 464 -8.22 6.70 -10.67
CA GLN A 464 -8.56 5.48 -11.43
C GLN A 464 -10.07 5.26 -11.52
N MSE A 465 -10.89 6.31 -11.40
CA MSE A 465 -12.32 6.13 -11.62
C MSE A 465 -12.96 7.37 -12.27
O MSE A 465 -14.20 7.50 -12.27
CB MSE A 465 -12.98 5.69 -10.30
CG MSE A 465 -12.69 6.50 -9.09
SE MSE A 465 -13.02 5.49 -7.41
CE MSE A 465 -13.25 7.15 -6.38
N SER A 466 -12.11 8.21 -12.88
CA SER A 466 -12.52 9.48 -13.49
C SER A 466 -13.48 10.23 -12.56
N PHE A 467 -13.36 10.04 -11.24
CA PHE A 467 -14.03 10.89 -10.24
C PHE A 467 -13.36 12.26 -10.26
N SER A 468 -14.17 13.30 -10.39
CA SER A 468 -13.74 14.72 -10.49
C SER A 468 -14.80 15.64 -9.86
N ASP A 469 -14.38 16.41 -8.86
CA ASP A 469 -15.20 17.45 -8.16
C ASP A 469 -14.28 18.64 -7.87
N GLN A 470 -14.60 19.81 -8.42
CA GLN A 470 -13.77 21.03 -8.29
C GLN A 470 -13.83 21.48 -6.81
N LYS A 471 -14.97 21.30 -6.15
CA LYS A 471 -15.14 21.63 -4.70
C LYS A 471 -14.05 20.90 -3.92
N TYR A 472 -13.90 19.59 -4.18
CA TYR A 472 -12.96 18.68 -3.47
C TYR A 472 -11.51 19.03 -3.76
N ASP A 473 -11.16 19.31 -5.01
CA ASP A 473 -9.75 19.58 -5.41
C ASP A 473 -9.19 20.79 -4.66
N GLU A 474 -9.99 21.86 -4.52
CA GLU A 474 -9.52 23.13 -3.90
C GLU A 474 -9.16 22.87 -2.43
N ILE A 475 -10.08 22.24 -1.69
CA ILE A 475 -9.93 21.98 -0.22
C ILE A 475 -8.68 21.14 -0.01
N ILE A 476 -8.54 20.09 -0.82
CA ILE A 476 -7.44 19.09 -0.71
C ILE A 476 -6.09 19.78 -0.84
N LYS A 477 -5.89 20.67 -1.83
CA LYS A 477 -4.55 21.26 -2.12
C LYS A 477 -4.26 22.45 -1.19
N LYS A 478 -5.31 23.15 -0.70
CA LYS A 478 -5.18 24.15 0.41
C LYS A 478 -4.50 23.47 1.60
N ALA A 479 -5.01 22.30 2.01
CA ALA A 479 -4.39 21.39 3.01
C ALA A 479 -3.16 20.71 2.38
N GLY A 480 -1.95 21.17 2.70
CA GLY A 480 -0.72 20.76 2.00
C GLY A 480 0.37 21.78 2.24
N GLY A 481 0.12 23.05 1.89
CA GLY A 481 0.92 24.21 2.34
C GLY A 481 0.58 24.62 3.76
N GLU A 482 -0.65 24.29 4.21
CA GLU A 482 -1.25 24.71 5.50
C GLU A 482 -0.66 23.95 6.71
N LEU A 483 -0.12 22.74 6.52
CA LEU A 483 0.29 21.85 7.65
C LEU A 483 1.20 22.59 8.62
N MSE A 484 2.22 23.26 8.09
CA MSE A 484 3.16 23.96 8.94
C MSE A 484 2.58 25.31 9.38
O MSE A 484 2.91 25.76 10.47
CB MSE A 484 4.52 24.09 8.25
CG MSE A 484 5.21 22.76 8.03
SE MSE A 484 5.61 21.83 9.73
CE MSE A 484 4.00 21.04 10.49
N THR A 485 1.71 25.92 8.56
CA THR A 485 1.15 27.22 8.90
C THR A 485 -0.08 27.05 9.80
N ASP A 486 -1.24 26.77 9.23
CA ASP A 486 -2.53 26.62 9.96
C ASP A 486 -2.94 25.13 9.98
N ALA A 487 -2.30 24.36 10.87
CA ALA A 487 -2.49 22.90 11.08
C ALA A 487 -3.91 22.58 11.53
N LYS A 488 -4.54 23.46 12.29
CA LYS A 488 -5.86 23.21 12.95
C LYS A 488 -6.96 23.35 11.90
N LYS A 489 -6.94 24.47 11.15
CA LYS A 489 -7.89 24.73 10.04
C LYS A 489 -7.79 23.56 9.05
N ARG A 490 -6.56 23.13 8.74
CA ARG A 490 -6.26 21.98 7.86
C ARG A 490 -7.04 20.74 8.33
N TRP A 491 -7.02 20.46 9.63
CA TRP A 491 -7.68 19.27 10.23
C TRP A 491 -9.19 19.29 9.91
N GLU A 492 -9.84 20.44 10.09
CA GLU A 492 -11.28 20.61 9.77
C GLU A 492 -11.48 20.51 8.25
N GLU A 493 -10.58 21.11 7.48
CA GLU A 493 -10.64 21.10 5.99
C GLU A 493 -10.68 19.63 5.53
N LEU A 494 -9.72 18.79 5.94
CA LEU A 494 -9.64 17.37 5.48
C LEU A 494 -10.87 16.57 5.93
N GLY A 495 -11.43 16.88 7.10
CA GLY A 495 -12.65 16.23 7.61
C GLY A 495 -13.86 16.54 6.74
N LYS A 496 -14.01 17.81 6.33
CA LYS A 496 -15.13 18.20 5.41
C LYS A 496 -14.84 17.61 4.04
N ALA A 497 -13.58 17.41 3.66
CA ALA A 497 -13.22 16.91 2.31
C ALA A 497 -13.62 15.44 2.20
N GLU A 498 -13.34 14.66 3.26
CA GLU A 498 -13.74 13.24 3.32
C GLU A 498 -15.27 13.16 3.34
N GLU A 499 -15.93 14.08 4.04
CA GLU A 499 -17.43 14.21 4.07
C GLU A 499 -17.96 14.44 2.64
N LEU A 500 -17.43 15.43 1.92
CA LEU A 500 -17.82 15.73 0.51
C LEU A 500 -17.58 14.50 -0.36
N LEU A 501 -16.52 13.75 -0.10
CA LEU A 501 -16.10 12.59 -0.93
C LEU A 501 -17.01 11.38 -0.72
N LEU A 502 -17.33 11.04 0.54
CA LEU A 502 -18.06 9.80 0.91
C LEU A 502 -19.58 10.02 0.86
N GLU A 503 -20.09 11.12 1.43
CA GLU A 503 -21.54 11.26 1.74
C GLU A 503 -22.26 12.05 0.63
N GLU A 504 -21.65 13.12 0.14
CA GLU A 504 -22.22 14.04 -0.88
C GLU A 504 -21.98 13.47 -2.29
N ASP A 505 -20.71 13.27 -2.66
CA ASP A 505 -20.30 12.80 -4.01
C ASP A 505 -20.40 11.28 -4.10
N VAL A 506 -20.24 10.57 -2.98
CA VAL A 506 -20.19 9.09 -2.91
C VAL A 506 -19.30 8.56 -4.03
N ALA A 507 -18.00 8.88 -3.98
CA ALA A 507 -17.00 8.60 -5.06
C ALA A 507 -16.63 7.13 -4.99
N LEU A 508 -16.71 6.53 -3.81
CA LEU A 508 -16.33 5.13 -3.55
C LEU A 508 -17.05 4.67 -2.30
N VAL A 509 -17.06 3.36 -2.05
CA VAL A 509 -17.77 2.73 -0.92
C VAL A 509 -16.77 1.98 -0.03
N PRO A 510 -16.40 2.56 1.13
CA PRO A 510 -15.60 1.84 2.11
C PRO A 510 -16.37 0.61 2.61
N LEU A 511 -15.64 -0.44 2.90
CA LEU A 511 -16.19 -1.73 3.41
C LEU A 511 -15.77 -1.93 4.87
N TYR A 512 -14.47 -1.89 5.18
CA TYR A 512 -13.95 -2.24 6.53
C TYR A 512 -12.56 -1.67 6.77
N GLN A 513 -12.23 -1.48 8.05
CA GLN A 513 -10.84 -1.21 8.52
C GLN A 513 -10.18 -2.56 8.83
N SER A 514 -9.08 -2.83 8.16
CA SER A 514 -8.42 -4.15 8.18
C SER A 514 -7.85 -4.43 9.59
N ALA A 515 -7.96 -5.67 10.05
CA ALA A 515 -7.14 -6.23 11.15
C ALA A 515 -6.76 -7.67 10.78
N ARG A 516 -5.48 -7.97 10.59
CA ARG A 516 -4.96 -9.30 10.21
C ARG A 516 -4.97 -10.20 11.45
N SER A 517 -5.73 -11.31 11.43
CA SER A 517 -5.55 -12.45 12.36
C SER A 517 -4.41 -13.32 11.82
N TYR A 518 -3.54 -13.82 12.69
CA TYR A 518 -2.46 -14.72 12.25
C TYR A 518 -2.11 -15.69 13.35
N VAL A 519 -1.33 -16.70 12.97
CA VAL A 519 -0.55 -17.54 13.90
C VAL A 519 0.89 -17.48 13.43
N MSE A 520 1.77 -17.48 14.46
CA MSE A 520 3.22 -17.48 14.33
C MSE A 520 3.76 -18.56 15.24
O MSE A 520 3.41 -18.59 16.44
CB MSE A 520 3.82 -16.15 14.78
CG MSE A 520 5.36 -16.11 14.78
SE MSE A 520 6.05 -15.64 12.97
CE MSE A 520 5.61 -13.75 12.91
N LYS A 521 4.64 -19.41 14.69
CA LYS A 521 5.24 -20.46 15.50
C LYS A 521 6.04 -19.83 16.63
N PRO A 522 5.96 -20.37 17.87
CA PRO A 522 6.66 -19.77 19.00
C PRO A 522 8.18 -19.68 18.79
N HIS A 523 8.79 -20.62 18.07
CA HIS A 523 10.27 -20.66 17.89
C HIS A 523 10.74 -19.54 16.92
N VAL A 524 9.84 -18.73 16.32
CA VAL A 524 10.26 -17.69 15.33
C VAL A 524 10.07 -16.33 15.98
N LYS A 525 11.15 -15.62 16.27
CA LYS A 525 11.11 -14.39 17.09
C LYS A 525 11.60 -13.18 16.30
N GLY A 526 11.14 -11.98 16.65
CA GLY A 526 11.75 -10.71 16.24
C GLY A 526 11.21 -10.19 14.90
N VAL A 527 10.23 -10.88 14.32
CA VAL A 527 9.52 -10.39 13.11
C VAL A 527 8.77 -9.10 13.43
N VAL A 528 8.99 -8.06 12.63
CA VAL A 528 8.39 -6.71 12.85
C VAL A 528 7.26 -6.53 11.86
N LYS A 529 6.06 -6.25 12.37
CA LYS A 529 4.91 -5.69 11.60
C LYS A 529 4.97 -4.16 11.66
N HIS A 530 4.91 -3.48 10.52
CA HIS A 530 4.92 -2.00 10.38
C HIS A 530 3.53 -1.52 9.94
N ASN A 531 3.25 -0.25 10.22
CA ASN A 531 2.00 0.45 9.86
C ASN A 531 2.12 0.91 8.39
N ILE A 532 3.32 1.31 7.98
CA ILE A 532 3.65 1.79 6.62
C ILE A 532 4.61 0.80 5.94
N SER A 533 4.42 0.61 4.64
CA SER A 533 5.20 -0.37 3.86
C SER A 533 6.66 0.05 3.90
N PRO A 534 7.63 -0.88 4.00
CA PRO A 534 7.37 -2.31 3.99
C PRO A 534 6.69 -2.82 5.26
N GLU A 535 5.68 -3.69 5.08
CA GLU A 535 4.76 -4.14 6.15
C GLU A 535 5.52 -5.06 7.10
N TYR A 536 6.53 -5.74 6.61
CA TYR A 536 7.36 -6.66 7.42
C TYR A 536 8.84 -6.37 7.19
N SER A 537 9.62 -6.33 8.28
CA SER A 537 11.10 -6.42 8.27
C SER A 537 11.50 -7.71 8.97
N TYR A 538 12.44 -8.42 8.37
CA TYR A 538 12.95 -9.71 8.87
C TYR A 538 14.40 -9.62 9.30
N LYS A 539 15.04 -8.45 9.24
CA LYS A 539 16.49 -8.38 9.50
C LYS A 539 16.80 -8.71 10.97
N TRP A 540 15.86 -8.49 11.88
CA TRP A 540 16.06 -8.73 13.33
C TRP A 540 15.40 -10.06 13.74
N ALA A 541 14.73 -10.75 12.84
CA ALA A 541 14.07 -12.03 13.11
C ALA A 541 15.15 -13.11 13.29
N TYR A 542 14.90 -14.06 14.18
CA TYR A 542 15.78 -15.24 14.45
C TYR A 542 14.85 -16.39 14.85
N VAL A 543 15.39 -17.62 14.81
CA VAL A 543 14.66 -18.86 15.22
C VAL A 543 15.32 -19.37 16.49
N THR A 544 14.50 -19.67 17.52
CA THR A 544 14.92 -20.33 18.80
C THR A 544 14.56 -21.82 18.78
N GLU A 545 14.87 -22.57 19.84
CA GLU A 545 14.40 -23.97 20.03
C GLU A 545 13.62 -24.03 21.34
N UNK B 1 -0.16 2.71 -0.68
CA UNK B 1 0.22 1.50 -1.44
C UNK B 1 -1.04 0.64 -1.60
N UNK B 2 -1.23 0.04 -2.78
CA UNK B 2 -2.41 -0.82 -3.08
C UNK B 2 -2.23 -2.14 -2.31
N UNK B 3 -3.27 -2.63 -1.60
CA UNK B 3 -3.19 -3.75 -0.59
C UNK B 3 -3.72 -5.05 -1.20
N UNK B 4 -3.25 -6.23 -0.74
CA UNK B 4 -3.42 -7.58 -1.35
C UNK B 4 -4.58 -8.34 -0.68
ZN ZN C . 9.84 -23.05 12.07
#